data_3S25
#
_entry.id   3S25
#
_cell.length_a   118.649
_cell.length_b   118.649
_cell.length_c   53.892
_cell.angle_alpha   90.000
_cell.angle_beta   90.000
_cell.angle_gamma   90.000
#
_symmetry.space_group_name_H-M   'I 4'
#
loop_
_entity.id
_entity.type
_entity.pdbx_description
1 polymer 'Hypothetical 7-bladed beta-propeller-like protein'
2 non-polymer 1,2-ETHANEDIOL
3 water water
#
_entity_poly.entity_id   1
_entity_poly.type   'polypeptide(L)'
_entity_poly.pdbx_seq_one_letter_code
;GLNSSYVNGNTAGNLYNAGLFCESDGEVFFSNTNDNGRLYA(MSE)NIDGSNIHKLSNDTA(MSE)YINADKNYVYYVRN
NNQKITSQTFFSYDRNSLCRIKRNGHGSTVLDPDPCIYASLIGNYIYYLHYDTQTATSLYRIRIDGEEKKKIKNHYLFTC
NTSDRYFYYNNPKNGQLYRYDTASQSEALFYDCNCYKPVVLDDTNVYY(MSE)DVNRDNAIVHVNINNPNPVVLTEANIE
HYNVYGSLIFYQRGGDNPALCVVKNDGTGFKELAKGEFCNINVTSQYVYFTDFVSNKEYCTSTQNPDTIKALQP
;
_entity_poly.pdbx_strand_id   A
#
loop_
_chem_comp.id
_chem_comp.type
_chem_comp.name
_chem_comp.formula
EDO non-polymer 1,2-ETHANEDIOL 'C2 H6 O2'
#
# COMPACT_ATOMS: atom_id res chain seq x y z
N LEU A 2 20.14 7.57 11.49
CA LEU A 2 19.25 6.37 11.49
C LEU A 2 18.03 6.59 12.42
N ASN A 3 16.91 5.92 12.08
CA ASN A 3 15.67 5.96 12.87
C ASN A 3 15.84 5.27 14.24
N SER A 4 15.19 5.81 15.27
CA SER A 4 15.29 5.28 16.66
C SER A 4 14.02 4.53 17.16
N SER A 5 13.02 4.36 16.29
CA SER A 5 11.80 3.60 16.61
C SER A 5 11.39 2.79 15.36
N TYR A 6 10.40 1.89 15.51
CA TYR A 6 9.92 1.12 14.35
C TYR A 6 8.86 1.89 13.55
N VAL A 7 9.34 2.95 12.90
CA VAL A 7 8.51 3.74 12.00
CA VAL A 7 8.50 3.74 12.02
C VAL A 7 8.04 2.81 10.89
N ASN A 8 6.84 3.07 10.37
CA ASN A 8 6.31 2.32 9.24
C ASN A 8 6.16 3.33 8.10
N GLY A 9 6.60 2.95 6.89
CA GLY A 9 6.67 3.87 5.76
C GLY A 9 5.37 4.31 5.15
N ASN A 10 4.31 3.50 5.31
CA ASN A 10 3.01 3.86 4.74
C ASN A 10 1.96 3.21 5.66
N THR A 11 0.71 3.32 5.28
CA THR A 11 -0.44 2.97 6.12
CA THR A 11 -0.36 2.85 6.15
C THR A 11 -1.36 1.92 5.47
N ALA A 12 -1.96 1.08 6.31
CA ALA A 12 -3.04 0.19 5.95
C ALA A 12 -2.68 -0.56 4.69
N GLY A 13 -3.51 -0.46 3.66
CA GLY A 13 -3.29 -1.24 2.46
C GLY A 13 -2.63 -0.49 1.32
N ASN A 14 -2.07 0.68 1.58
CA ASN A 14 -1.56 1.49 0.45
C ASN A 14 -0.57 0.79 -0.41
N LEU A 15 0.36 0.07 0.20
CA LEU A 15 1.43 -0.58 -0.56
C LEU A 15 0.93 -1.74 -1.42
N TYR A 16 -0.14 -2.44 -1.00
CA TYR A 16 -0.76 -3.42 -1.88
C TYR A 16 -1.37 -2.76 -3.11
N ASN A 17 -1.77 -1.51 -2.94
CA ASN A 17 -2.44 -0.71 -3.95
C ASN A 17 -1.47 0.25 -4.64
N ALA A 18 -0.24 -0.25 -4.81
CA ALA A 18 0.85 0.38 -5.57
C ALA A 18 1.57 1.55 -4.83
N GLY A 19 1.18 1.80 -3.59
CA GLY A 19 1.79 2.85 -2.76
C GLY A 19 1.88 4.19 -3.49
N LEU A 20 0.75 4.64 -4.06
CA LEU A 20 0.70 5.87 -4.84
C LEU A 20 0.59 7.11 -3.98
N PHE A 21 0.16 6.94 -2.72
CA PHE A 21 0.03 8.07 -1.79
C PHE A 21 0.62 7.67 -0.47
N CYS A 22 1.31 8.62 0.16
CA CYS A 22 2.01 8.37 1.43
C CYS A 22 1.92 9.60 2.29
N GLU A 23 1.11 9.52 3.35
CA GLU A 23 0.90 10.65 4.25
C GLU A 23 1.87 10.51 5.41
N SER A 24 2.58 11.58 5.73
CA SER A 24 3.61 11.56 6.73
C SER A 24 3.82 12.97 7.29
N ASP A 25 3.59 13.12 8.59
CA ASP A 25 3.87 14.36 9.31
C ASP A 25 3.34 15.60 8.60
N GLY A 26 2.06 15.57 8.30
CA GLY A 26 1.38 16.70 7.65
C GLY A 26 1.60 16.94 6.17
N GLU A 27 2.32 16.05 5.48
CA GLU A 27 2.47 16.14 4.04
C GLU A 27 2.01 14.83 3.42
N VAL A 28 1.69 14.89 2.14
CA VAL A 28 1.43 13.67 1.38
C VAL A 28 2.38 13.64 0.19
N PHE A 29 3.11 12.55 0.06
CA PHE A 29 3.99 12.33 -1.08
C PHE A 29 3.25 11.36 -1.98
N PHE A 30 3.26 11.64 -3.27
CA PHE A 30 2.42 10.87 -4.18
C PHE A 30 2.91 10.80 -5.57
N SER A 31 2.41 9.76 -6.26
CA SER A 31 2.63 9.56 -7.71
C SER A 31 1.57 10.34 -8.46
N ASN A 32 1.97 11.31 -9.29
CA ASN A 32 1.03 12.24 -9.88
C ASN A 32 0.60 11.73 -11.26
N THR A 33 -0.64 11.22 -11.34
CA THR A 33 -1.09 10.66 -12.65
CA THR A 33 -1.24 10.71 -12.60
C THR A 33 -1.22 11.72 -13.75
N ASN A 34 -1.29 13.00 -13.39
CA ASN A 34 -1.27 14.05 -14.42
C ASN A 34 0.13 14.37 -14.92
N ASP A 35 1.16 13.75 -14.36
CA ASP A 35 2.52 14.02 -14.85
C ASP A 35 3.33 12.74 -14.81
N ASN A 36 2.86 11.76 -15.57
CA ASN A 36 3.54 10.49 -15.80
C ASN A 36 3.90 9.72 -14.55
N GLY A 37 3.09 9.89 -13.50
CA GLY A 37 3.32 9.20 -12.25
C GLY A 37 4.53 9.71 -11.44
N ARG A 38 5.01 10.90 -11.78
CA ARG A 38 6.17 11.48 -11.10
CA ARG A 38 6.16 11.47 -11.09
C ARG A 38 5.92 11.80 -9.65
N LEU A 39 7.00 11.83 -8.86
CA LEU A 39 6.88 12.07 -7.45
C LEU A 39 6.61 13.52 -7.11
N TYR A 40 5.48 13.76 -6.45
CA TYR A 40 5.08 15.08 -6.01
C TYR A 40 4.83 15.05 -4.50
N ALA A 41 4.67 16.23 -3.92
CA ALA A 41 4.39 16.46 -2.54
C ALA A 41 3.29 17.53 -2.45
N MSE A 42 2.50 17.47 -1.39
CA MSE A 42 1.47 18.47 -1.13
C MSE A 42 1.15 18.42 0.33
O MSE A 42 1.62 17.54 1.04
CB MSE A 42 0.23 18.14 -1.94
CG MSE A 42 -0.48 16.92 -1.49
SE MSE A 42 -2.04 16.61 -2.56
CE MSE A 42 -2.35 14.72 -2.16
N ASN A 43 0.38 19.41 0.82
CA ASN A 43 -0.08 19.37 2.18
C ASN A 43 -1.22 18.38 2.30
N ILE A 44 -1.62 17.90 3.48
N ILE A 44 -1.42 17.99 3.56
CA ILE A 44 -2.67 16.82 3.48
CA ILE A 44 -2.51 17.12 3.94
C ILE A 44 -4.05 17.09 2.76
C ILE A 44 -3.81 17.85 3.66
N ASP A 45 -4.44 18.36 2.63
N ASP A 45 -3.84 19.18 3.85
CA ASP A 45 -5.76 18.70 2.10
CA ASP A 45 -5.01 20.00 3.46
C ASP A 45 -5.81 18.87 0.58
C ASP A 45 -5.10 20.23 1.93
N GLY A 46 -4.74 18.52 -0.13
N GLY A 46 -4.16 19.66 1.20
CA GLY A 46 -4.74 18.58 -1.59
CA GLY A 46 -4.19 19.67 -0.26
C GLY A 46 -4.14 19.85 -2.20
C GLY A 46 -3.48 20.83 -0.91
N SER A 47 -3.73 20.78 -1.34
N SER A 47 -2.98 21.76 -0.09
CA SER A 47 -3.13 22.05 -1.78
CA SER A 47 -2.35 22.95 -0.61
C SER A 47 -1.60 21.97 -1.93
C SER A 47 -0.91 22.68 -1.03
N ASN A 48 -0.96 23.05 -2.38
N ASN A 48 -0.49 23.42 -2.06
CA ASN A 48 0.52 23.19 -2.34
CA ASN A 48 0.88 23.46 -2.54
C ASN A 48 1.27 22.13 -3.12
C ASN A 48 1.36 22.15 -3.17
N ILE A 49 0.63 21.65 -4.16
CA ILE A 49 1.09 20.54 -4.97
C ILE A 49 2.33 21.00 -5.74
N HIS A 50 3.42 20.28 -5.57
CA HIS A 50 4.66 20.60 -6.27
C HIS A 50 5.53 19.38 -6.57
N LYS A 51 6.26 19.46 -7.67
CA LYS A 51 7.06 18.35 -8.15
C LYS A 51 8.31 18.18 -7.28
N LEU A 52 8.52 16.98 -6.76
CA LEU A 52 9.70 16.65 -5.97
C LEU A 52 10.81 16.03 -6.82
N SER A 53 10.44 15.15 -7.75
CA SER A 53 11.39 14.46 -8.61
C SER A 53 10.75 14.20 -9.99
N ASN A 54 11.57 14.15 -11.02
CA ASN A 54 11.12 13.71 -12.34
C ASN A 54 11.03 12.22 -12.50
N ASP A 55 11.46 11.47 -11.46
CA ASP A 55 11.31 10.04 -11.44
C ASP A 55 9.82 9.70 -11.30
N THR A 56 9.40 8.67 -12.02
CA THR A 56 8.07 8.08 -11.85
CA THR A 56 8.06 8.09 -11.85
C THR A 56 8.15 7.25 -10.60
N ALA A 57 7.18 7.34 -9.72
CA ALA A 57 7.32 6.72 -8.41
C ALA A 57 6.13 5.84 -8.05
N MSE A 58 6.42 4.77 -7.30
CA MSE A 58 5.42 3.94 -6.69
C MSE A 58 6.06 3.32 -5.42
O MSE A 58 7.24 3.50 -5.17
CB MSE A 58 5.01 2.86 -7.70
CG MSE A 58 6.18 2.16 -8.26
SE MSE A 58 5.67 0.87 -9.69
CE MSE A 58 7.33 1.03 -10.69
N TYR A 59 5.25 2.63 -4.64
CA TYR A 59 5.62 2.03 -3.38
C TYR A 59 6.28 3.09 -2.52
N ILE A 60 5.61 4.22 -2.40
CA ILE A 60 6.17 5.39 -1.72
C ILE A 60 6.07 5.17 -0.22
N ASN A 61 7.20 5.40 0.45
CA ASN A 61 7.31 5.31 1.90
C ASN A 61 7.99 6.56 2.42
N ALA A 62 7.79 6.89 3.68
CA ALA A 62 8.49 8.04 4.26
C ALA A 62 8.79 7.86 5.75
N ASP A 63 9.85 8.50 6.20
CA ASP A 63 10.15 8.65 7.60
C ASP A 63 10.33 10.14 7.85
N LYS A 64 10.87 10.50 9.01
CA LYS A 64 11.05 11.91 9.36
C LYS A 64 11.94 12.69 8.41
N ASN A 65 12.91 12.02 7.77
CA ASN A 65 13.90 12.71 6.94
C ASN A 65 13.82 12.45 5.42
N TYR A 66 13.39 11.25 5.05
CA TYR A 66 13.46 10.82 3.66
C TYR A 66 12.17 10.25 3.11
N VAL A 67 12.09 10.28 1.78
CA VAL A 67 11.07 9.55 1.04
C VAL A 67 11.79 8.45 0.30
N TYR A 68 11.24 7.22 0.40
CA TYR A 68 11.75 6.04 -0.28
C TYR A 68 10.74 5.58 -1.29
N TYR A 69 11.20 5.18 -2.46
CA TYR A 69 10.26 4.84 -3.52
C TYR A 69 10.91 3.96 -4.57
N VAL A 70 10.05 3.23 -5.28
CA VAL A 70 10.44 2.48 -6.48
C VAL A 70 10.15 3.30 -7.71
N ARG A 71 11.13 3.40 -8.60
CA ARG A 71 10.92 4.14 -9.83
C ARG A 71 10.98 3.20 -11.00
N ASN A 72 10.22 3.52 -12.04
CA ASN A 72 10.34 2.78 -13.31
C ASN A 72 11.26 3.60 -14.17
N ASN A 73 12.37 2.99 -14.54
CA ASN A 73 13.41 3.71 -15.23
C ASN A 73 13.08 4.09 -16.70
N ASN A 74 12.12 3.39 -17.33
CA ASN A 74 11.79 3.60 -18.76
C ASN A 74 10.37 4.05 -19.00
N THR A 81 2.77 -1.37 -15.67
CA THR A 81 2.04 -1.76 -14.47
C THR A 81 2.98 -1.99 -13.27
N PHE A 82 2.37 -1.88 -12.09
CA PHE A 82 3.09 -1.74 -10.83
C PHE A 82 3.42 -3.08 -10.20
N PHE A 83 2.76 -4.16 -10.68
CA PHE A 83 2.76 -5.44 -9.96
C PHE A 83 3.46 -6.58 -10.66
N SER A 84 4.14 -6.29 -11.76
CA SER A 84 4.94 -7.29 -12.46
C SER A 84 6.33 -6.71 -12.79
N TYR A 85 7.15 -7.58 -13.37
CA TYR A 85 8.55 -7.26 -13.69
C TYR A 85 8.62 -6.04 -14.60
N ASP A 86 9.46 -5.09 -14.20
CA ASP A 86 9.82 -4.00 -15.08
C ASP A 86 11.19 -3.54 -14.61
N ARG A 87 11.81 -2.64 -15.38
CA ARG A 87 13.15 -2.19 -15.05
CA ARG A 87 13.14 -2.15 -15.09
C ARG A 87 13.05 -1.10 -13.99
N ASN A 88 12.77 -1.55 -12.76
CA ASN A 88 12.55 -0.67 -11.61
C ASN A 88 13.84 -0.54 -10.77
N SER A 89 13.93 0.52 -9.94
CA SER A 89 15.03 0.70 -8.99
C SER A 89 14.47 1.24 -7.67
N LEU A 90 15.08 0.87 -6.55
CA LEU A 90 14.70 1.39 -5.23
C LEU A 90 15.54 2.63 -4.95
N CYS A 91 14.89 3.73 -4.61
CA CYS A 91 15.51 5.04 -4.48
C CYS A 91 15.15 5.74 -3.18
N ARG A 92 15.87 6.83 -2.91
CA ARG A 92 15.66 7.64 -1.71
C ARG A 92 15.90 9.10 -2.07
N ILE A 93 15.11 9.98 -1.49
CA ILE A 93 15.30 11.42 -1.63
C ILE A 93 15.01 12.07 -0.29
N LYS A 94 15.69 13.17 0.02
CA LYS A 94 15.32 13.95 1.21
C LYS A 94 13.92 14.54 1.03
N ARG A 95 13.21 14.72 2.12
CA ARG A 95 11.86 15.25 2.03
C ARG A 95 11.84 16.66 1.42
N ASN A 96 12.95 17.38 1.56
CA ASN A 96 13.11 18.70 0.99
C ASN A 96 13.43 18.68 -0.53
N GLY A 97 13.62 17.49 -1.15
CA GLY A 97 13.89 17.40 -2.58
C GLY A 97 15.37 17.23 -2.94
N HIS A 98 16.26 17.36 -1.97
CA HIS A 98 17.70 17.17 -2.19
C HIS A 98 18.13 15.74 -1.95
N GLY A 99 19.37 15.45 -2.34
CA GLY A 99 19.99 14.19 -1.96
C GLY A 99 19.46 12.92 -2.60
N SER A 100 18.87 13.03 -3.79
CA SER A 100 18.41 11.83 -4.51
C SER A 100 19.55 10.82 -4.64
N THR A 101 19.23 9.55 -4.39
CA THR A 101 20.20 8.47 -4.59
C THR A 101 19.49 7.14 -4.83
N VAL A 102 20.20 6.16 -5.41
CA VAL A 102 19.67 4.85 -5.64
C VAL A 102 20.16 3.94 -4.54
N LEU A 103 19.26 3.16 -3.97
CA LEU A 103 19.65 2.23 -2.91
C LEU A 103 19.86 0.84 -3.51
N ASP A 104 18.98 0.41 -4.40
CA ASP A 104 19.13 -0.91 -5.12
C ASP A 104 18.69 -0.69 -6.56
N PRO A 105 19.62 -0.76 -7.52
CA PRO A 105 19.26 -0.51 -8.90
C PRO A 105 18.50 -1.64 -9.57
N ASP A 106 18.51 -2.84 -8.96
CA ASP A 106 17.93 -4.04 -9.57
C ASP A 106 16.40 -4.07 -9.46
N PRO A 107 15.72 -4.65 -10.46
CA PRO A 107 14.26 -4.61 -10.42
C PRO A 107 13.67 -5.17 -9.12
N CYS A 108 12.64 -4.46 -8.66
CA CYS A 108 11.94 -4.71 -7.41
C CYS A 108 10.58 -4.05 -7.43
N ILE A 109 9.72 -4.54 -6.53
CA ILE A 109 8.45 -3.92 -6.22
C ILE A 109 8.16 -4.12 -4.73
N TYR A 110 7.04 -3.57 -4.26
CA TYR A 110 6.55 -3.78 -2.88
C TYR A 110 7.52 -3.34 -1.78
N ALA A 111 8.24 -2.24 -2.03
CA ALA A 111 9.10 -1.62 -0.98
C ALA A 111 8.25 -1.20 0.21
N SER A 112 8.73 -1.53 1.41
CA SER A 112 8.04 -1.24 2.65
C SER A 112 9.01 -0.97 3.75
N LEU A 113 8.93 0.21 4.36
CA LEU A 113 9.87 0.62 5.38
C LEU A 113 9.41 0.18 6.75
N ILE A 114 10.28 -0.48 7.48
CA ILE A 114 10.04 -0.91 8.86
C ILE A 114 11.29 -0.56 9.65
N GLY A 115 11.21 0.51 10.43
CA GLY A 115 12.35 0.94 11.20
C GLY A 115 13.46 1.51 10.33
N ASN A 116 14.62 0.86 10.35
CA ASN A 116 15.78 1.24 9.53
C ASN A 116 15.99 0.39 8.31
N TYR A 117 15.05 -0.48 8.02
CA TYR A 117 15.14 -1.40 6.87
C TYR A 117 13.97 -1.28 5.93
N ILE A 118 14.26 -1.37 4.63
CA ILE A 118 13.25 -1.50 3.60
C ILE A 118 13.20 -2.96 3.18
N TYR A 119 12.02 -3.56 3.34
CA TYR A 119 11.78 -4.93 2.93
C TYR A 119 11.08 -4.88 1.60
N TYR A 120 11.49 -5.75 0.69
CA TYR A 120 10.97 -5.67 -0.70
C TYR A 120 11.04 -6.96 -1.50
N LEU A 121 10.28 -7.02 -2.58
CA LEU A 121 10.37 -8.09 -3.57
C LEU A 121 11.49 -7.80 -4.56
N HIS A 122 12.42 -8.74 -4.70
CA HIS A 122 13.53 -8.68 -5.65
C HIS A 122 13.26 -9.70 -6.77
N TYR A 123 13.42 -9.28 -8.03
CA TYR A 123 13.31 -10.21 -9.14
C TYR A 123 14.63 -10.91 -9.37
N ASP A 124 14.64 -12.24 -9.21
CA ASP A 124 15.80 -13.06 -9.57
C ASP A 124 15.83 -13.33 -11.08
N THR A 125 14.66 -13.59 -11.65
CA THR A 125 14.45 -13.63 -13.09
C THR A 125 13.15 -12.84 -13.28
N GLN A 126 12.57 -12.82 -14.48
CA GLN A 126 11.32 -12.07 -14.67
CA GLN A 126 11.29 -12.12 -14.72
C GLN A 126 10.12 -12.73 -13.94
N THR A 127 10.25 -14.01 -13.59
CA THR A 127 9.18 -14.76 -12.89
C THR A 127 9.56 -15.27 -11.47
N ALA A 128 10.86 -15.52 -11.23
CA ALA A 128 11.33 -15.97 -9.90
C ALA A 128 11.64 -14.77 -8.99
N THR A 129 11.02 -14.75 -7.81
CA THR A 129 11.14 -13.62 -6.89
C THR A 129 11.59 -14.07 -5.50
N SER A 130 12.14 -13.15 -4.72
CA SER A 130 12.57 -13.42 -3.36
C SER A 130 12.35 -12.17 -2.49
N LEU A 131 12.45 -12.36 -1.18
CA LEU A 131 12.35 -11.30 -0.20
C LEU A 131 13.76 -10.81 0.16
N TYR A 132 13.95 -9.51 -0.03
CA TYR A 132 15.15 -8.82 0.35
C TYR A 132 14.86 -7.76 1.38
N ARG A 133 15.92 -7.35 2.08
CA ARG A 133 15.90 -6.09 2.79
C ARG A 133 17.17 -5.31 2.57
N ILE A 134 17.10 -4.03 2.84
CA ILE A 134 18.26 -3.16 2.77
C ILE A 134 18.10 -2.10 3.81
N ARG A 135 19.19 -1.65 4.41
CA ARG A 135 19.11 -0.56 5.34
C ARG A 135 18.86 0.76 4.59
N ILE A 136 18.27 1.73 5.30
CA ILE A 136 17.86 3.01 4.68
C ILE A 136 19.01 3.82 4.09
N ASP A 137 20.24 3.53 4.50
CA ASP A 137 21.39 4.19 3.89
C ASP A 137 21.99 3.39 2.73
N GLY A 138 21.35 2.30 2.32
CA GLY A 138 21.86 1.52 1.20
C GLY A 138 22.87 0.45 1.63
N GLU A 139 23.18 0.37 2.92
CA GLU A 139 24.02 -0.71 3.45
C GLU A 139 23.20 -1.98 3.73
N GLU A 140 23.90 -3.10 3.86
CA GLU A 140 23.33 -4.35 4.39
C GLU A 140 22.21 -4.98 3.54
N LYS A 141 22.30 -4.85 2.24
CA LYS A 141 21.37 -5.53 1.36
C LYS A 141 21.54 -7.03 1.62
N LYS A 142 20.43 -7.74 1.80
CA LYS A 142 20.49 -9.16 2.14
CA LYS A 142 20.48 -9.15 2.18
C LYS A 142 19.22 -9.85 1.69
N LYS A 143 19.38 -11.05 1.16
CA LYS A 143 18.27 -11.88 0.78
C LYS A 143 17.82 -12.54 2.09
N ILE A 144 16.54 -12.40 2.40
CA ILE A 144 15.97 -12.88 3.66
C ILE A 144 15.27 -14.23 3.47
N LYS A 145 14.56 -14.40 2.35
CA LYS A 145 13.90 -15.68 2.03
C LYS A 145 14.01 -15.94 0.53
N ASN A 146 14.03 -17.21 0.14
CA ASN A 146 14.11 -17.60 -1.29
C ASN A 146 12.79 -17.46 -2.04
N HIS A 147 11.73 -17.27 -1.29
CA HIS A 147 10.40 -17.09 -1.80
CA HIS A 147 10.37 -17.09 -1.81
C HIS A 147 9.94 -15.73 -1.24
N TYR A 148 9.14 -14.99 -1.98
CA TYR A 148 8.69 -13.72 -1.46
C TYR A 148 7.58 -13.93 -0.41
N LEU A 149 7.59 -13.10 0.63
CA LEU A 149 6.48 -12.97 1.60
C LEU A 149 6.00 -11.52 1.53
N PHE A 150 4.70 -11.30 1.54
CA PHE A 150 4.17 -9.96 1.43
C PHE A 150 4.61 -9.07 2.57
N THR A 151 5.09 -7.87 2.24
CA THR A 151 5.67 -6.93 3.18
C THR A 151 4.86 -5.64 3.26
N CYS A 152 3.73 -5.58 2.55
CA CYS A 152 2.95 -4.34 2.42
C CYS A 152 2.27 -3.89 3.69
N ASN A 153 1.81 -4.87 4.48
CA ASN A 153 1.07 -4.58 5.70
C ASN A 153 2.04 -4.62 6.86
N THR A 154 2.27 -3.47 7.49
CA THR A 154 3.24 -3.37 8.59
C THR A 154 2.57 -2.70 9.80
N SER A 155 3.09 -3.05 10.97
CA SER A 155 2.74 -2.44 12.23
C SER A 155 3.91 -2.58 13.17
N ASP A 156 4.49 -1.44 13.60
CA ASP A 156 5.65 -1.46 14.50
C ASP A 156 6.73 -2.31 13.82
N ARG A 157 7.39 -3.23 14.54
CA ARG A 157 8.45 -4.05 13.97
C ARG A 157 7.96 -5.22 13.09
N TYR A 158 6.64 -5.37 12.93
CA TYR A 158 6.09 -6.52 12.22
C TYR A 158 5.60 -6.22 10.83
N PHE A 159 5.68 -7.24 9.98
CA PHE A 159 4.82 -7.28 8.78
C PHE A 159 3.99 -8.57 8.80
N TYR A 160 2.85 -8.53 8.12
CA TYR A 160 1.87 -9.61 8.12
C TYR A 160 1.62 -10.06 6.68
N TYR A 161 1.34 -11.35 6.49
CA TYR A 161 1.24 -11.89 5.18
C TYR A 161 0.48 -13.21 5.16
N ASN A 162 -0.10 -13.53 4.01
CA ASN A 162 -0.57 -14.90 3.76
C ASN A 162 0.61 -15.77 3.58
N ASN A 163 0.67 -16.86 4.35
CA ASN A 163 1.73 -17.80 4.25
C ASN A 163 1.57 -18.50 2.87
N PRO A 164 2.65 -18.55 2.07
CA PRO A 164 2.55 -19.04 0.69
C PRO A 164 2.22 -20.53 0.59
N LYS A 165 2.67 -21.33 1.57
CA LYS A 165 2.38 -22.74 1.59
C LYS A 165 0.96 -23.08 2.04
N ASN A 166 0.44 -22.40 3.06
CA ASN A 166 -0.82 -22.81 3.69
C ASN A 166 -1.94 -21.78 3.79
N GLY A 167 -1.69 -20.55 3.37
CA GLY A 167 -2.73 -19.52 3.26
C GLY A 167 -3.06 -18.78 4.55
N GLN A 168 -2.50 -19.22 5.67
CA GLN A 168 -2.82 -18.62 6.97
C GLN A 168 -2.18 -17.26 7.14
N LEU A 169 -2.71 -16.48 8.06
CA LEU A 169 -2.16 -15.13 8.33
C LEU A 169 -0.99 -15.29 9.30
N TYR A 170 0.19 -14.96 8.82
CA TYR A 170 1.43 -15.06 9.58
C TYR A 170 1.97 -13.66 9.81
N ARG A 171 2.83 -13.56 10.81
CA ARG A 171 3.47 -12.29 11.24
C ARG A 171 4.99 -12.50 11.29
N TYR A 172 5.74 -11.58 10.72
CA TYR A 172 7.18 -11.64 10.73
C TYR A 172 7.67 -10.53 11.65
N ASP A 173 8.51 -10.88 12.60
CA ASP A 173 9.10 -9.92 13.51
C ASP A 173 10.47 -9.53 12.95
N THR A 174 10.60 -8.29 12.48
CA THR A 174 11.85 -7.84 11.86
C THR A 174 12.99 -7.66 12.88
N ALA A 175 12.66 -7.58 14.17
CA ALA A 175 13.68 -7.38 15.20
C ALA A 175 14.37 -8.71 15.47
N SER A 176 13.57 -9.76 15.68
CA SER A 176 14.11 -11.10 15.91
C SER A 176 14.36 -11.86 14.61
N GLN A 177 13.80 -11.35 13.50
CA GLN A 177 13.90 -11.99 12.17
C GLN A 177 13.32 -13.40 12.19
N SER A 178 12.12 -13.50 12.76
CA SER A 178 11.42 -14.77 12.90
C SER A 178 9.95 -14.58 12.55
N GLU A 179 9.27 -15.68 12.28
CA GLU A 179 7.88 -15.63 11.90
C GLU A 179 7.06 -16.70 12.59
N ALA A 180 5.75 -16.47 12.70
CA ALA A 180 4.83 -17.37 13.37
C ALA A 180 3.43 -17.10 12.90
N LEU A 181 2.59 -18.12 13.06
CA LEU A 181 1.15 -17.99 12.85
C LEU A 181 0.58 -16.86 13.69
N PHE A 182 -0.29 -16.08 13.06
CA PHE A 182 -0.96 -15.00 13.73
C PHE A 182 -2.47 -15.27 13.83
N TYR A 183 -3.06 -15.77 12.75
CA TYR A 183 -4.50 -16.05 12.72
C TYR A 183 -4.84 -17.11 11.66
N ASP A 184 -5.58 -18.09 12.09
CA ASP A 184 -6.00 -19.20 11.25
C ASP A 184 -7.11 -18.76 10.31
N CYS A 185 -6.76 -18.63 9.05
CA CYS A 185 -7.70 -18.32 8.00
C CYS A 185 -7.03 -18.72 6.67
N ASN A 186 -7.70 -18.43 5.55
CA ASN A 186 -7.11 -18.60 4.20
C ASN A 186 -7.25 -17.22 3.57
N CYS A 187 -6.18 -16.46 3.61
CA CYS A 187 -6.29 -15.03 3.37
C CYS A 187 -5.51 -14.51 2.18
N TYR A 188 -5.96 -13.35 1.72
CA TYR A 188 -5.31 -12.69 0.61
C TYR A 188 -5.26 -11.19 0.91
N LYS A 189 -4.07 -10.61 0.73
CA LYS A 189 -3.78 -9.23 1.02
C LYS A 189 -4.33 -8.78 2.39
N PRO A 190 -3.86 -9.43 3.46
CA PRO A 190 -4.34 -9.09 4.79
C PRO A 190 -3.90 -7.70 5.19
N VAL A 191 -4.78 -6.99 5.88
CA VAL A 191 -4.43 -5.70 6.51
C VAL A 191 -4.76 -5.74 7.99
N VAL A 192 -3.72 -5.90 8.81
CA VAL A 192 -3.85 -5.84 10.25
C VAL A 192 -3.51 -4.41 10.70
N LEU A 193 -4.47 -3.76 11.36
CA LEU A 193 -4.30 -2.42 11.94
C LEU A 193 -3.92 -2.55 13.41
N ASP A 194 -4.55 -3.49 14.11
CA ASP A 194 -3.98 -3.94 15.37
C ASP A 194 -4.61 -5.29 15.70
N ASP A 195 -4.08 -5.99 16.69
CA ASP A 195 -4.57 -7.32 17.01
C ASP A 195 -6.11 -7.40 17.13
N THR A 196 -6.76 -6.27 17.44
CA THR A 196 -8.23 -6.23 17.50
C THR A 196 -8.91 -5.85 16.15
N ASN A 197 -8.12 -5.47 15.12
CA ASN A 197 -8.69 -5.08 13.83
C ASN A 197 -7.91 -5.69 12.69
N VAL A 198 -8.30 -6.91 12.35
CA VAL A 198 -7.74 -7.68 11.23
C VAL A 198 -8.72 -7.68 10.09
N TYR A 199 -8.25 -7.31 8.91
CA TYR A 199 -9.00 -7.40 7.67
C TYR A 199 -8.29 -8.33 6.69
N TYR A 200 -9.05 -9.05 5.89
CA TYR A 200 -8.47 -9.78 4.75
C TYR A 200 -9.53 -10.14 3.76
N MSE A 201 -9.08 -10.42 2.54
CA MSE A 201 -9.97 -11.05 1.60
C MSE A 201 -9.91 -12.55 1.89
O MSE A 201 -8.84 -13.14 1.96
CB MSE A 201 -9.59 -10.71 0.17
CG MSE A 201 -10.07 -9.29 -0.18
SE MSE A 201 -9.62 -8.70 -1.97
CE MSE A 201 -7.73 -8.66 -1.71
N ASP A 202 -11.09 -13.13 2.09
CA ASP A 202 -11.22 -14.53 2.48
C ASP A 202 -11.28 -15.40 1.24
N VAL A 203 -10.16 -16.11 0.99
CA VAL A 203 -10.00 -16.95 -0.20
C VAL A 203 -11.06 -18.02 -0.28
N ASN A 204 -11.58 -18.45 0.88
CA ASN A 204 -12.66 -19.44 0.95
C ASN A 204 -14.03 -18.90 0.58
N ARG A 205 -14.21 -17.57 0.57
CA ARG A 205 -15.48 -16.94 0.22
C ARG A 205 -15.34 -16.01 -1.00
N ASP A 206 -14.54 -16.43 -1.99
CA ASP A 206 -14.32 -15.67 -3.23
C ASP A 206 -13.92 -14.20 -2.98
N ASN A 207 -13.01 -14.07 -2.02
CA ASN A 207 -12.39 -12.82 -1.63
C ASN A 207 -13.35 -11.85 -0.94
N ALA A 208 -14.48 -12.31 -0.41
CA ALA A 208 -15.32 -11.46 0.42
C ALA A 208 -14.42 -10.94 1.56
N ILE A 209 -14.61 -9.69 1.98
CA ILE A 209 -13.77 -9.11 3.04
C ILE A 209 -14.30 -9.46 4.41
N VAL A 210 -13.39 -9.89 5.27
CA VAL A 210 -13.70 -10.29 6.63
C VAL A 210 -12.95 -9.39 7.61
N HIS A 211 -13.61 -9.09 8.73
CA HIS A 211 -13.01 -8.34 9.83
C HIS A 211 -13.04 -9.15 11.09
N VAL A 212 -11.92 -9.20 11.82
CA VAL A 212 -11.90 -9.96 13.07
C VAL A 212 -10.96 -9.32 14.07
N ASN A 213 -11.23 -9.58 15.35
CA ASN A 213 -10.35 -9.23 16.49
C ASN A 213 -9.74 -10.54 16.93
N ILE A 214 -8.41 -10.71 16.88
CA ILE A 214 -7.82 -12.03 17.17
C ILE A 214 -7.99 -12.50 18.63
N ASN A 215 -8.20 -11.53 19.54
CA ASN A 215 -8.38 -11.83 20.98
C ASN A 215 -9.76 -12.43 21.28
N ASN A 216 -10.81 -11.85 20.68
CA ASN A 216 -12.19 -12.34 20.78
C ASN A 216 -12.75 -12.69 19.39
N PRO A 217 -12.22 -13.77 18.75
CA PRO A 217 -12.51 -14.03 17.33
C PRO A 217 -13.96 -14.31 17.01
N ASN A 218 -14.62 -13.32 16.40
CA ASN A 218 -15.97 -13.46 15.87
C ASN A 218 -16.01 -12.95 14.41
N PRO A 219 -15.36 -13.70 13.49
CA PRO A 219 -15.20 -13.21 12.11
C PRO A 219 -16.52 -12.77 11.49
N VAL A 220 -16.57 -11.52 11.01
CA VAL A 220 -17.75 -10.96 10.35
C VAL A 220 -17.44 -10.74 8.86
N VAL A 221 -18.29 -11.27 7.97
CA VAL A 221 -18.15 -11.04 6.54
C VAL A 221 -18.81 -9.69 6.19
N LEU A 222 -18.06 -8.75 5.59
CA LEU A 222 -18.56 -7.38 5.40
C LEU A 222 -19.02 -7.06 3.96
N THR A 223 -18.70 -7.94 3.03
CA THR A 223 -19.04 -7.71 1.64
C THR A 223 -19.57 -8.96 0.96
N GLU A 224 -20.06 -8.74 -0.25
CA GLU A 224 -20.45 -9.78 -1.18
C GLU A 224 -19.17 -10.45 -1.72
N ALA A 225 -19.33 -11.57 -2.42
CA ALA A 225 -18.19 -12.26 -3.02
C ALA A 225 -17.65 -11.44 -4.16
N ASN A 226 -16.46 -11.86 -4.62
CA ASN A 226 -15.82 -11.34 -5.82
CA ASN A 226 -15.81 -11.34 -5.83
C ASN A 226 -15.22 -9.93 -5.64
N ILE A 227 -14.54 -9.71 -4.51
CA ILE A 227 -13.82 -8.45 -4.26
C ILE A 227 -12.44 -8.54 -4.87
N GLU A 228 -11.96 -7.44 -5.42
CA GLU A 228 -10.71 -7.40 -6.13
C GLU A 228 -9.62 -6.60 -5.35
N HIS A 229 -10.02 -5.50 -4.73
CA HIS A 229 -9.06 -4.57 -4.06
C HIS A 229 -9.79 -3.99 -2.86
N TYR A 230 -9.07 -3.68 -1.78
CA TYR A 230 -9.67 -2.94 -0.70
C TYR A 230 -8.63 -2.15 0.08
N ASN A 231 -9.13 -1.27 0.91
CA ASN A 231 -8.33 -0.53 1.84
C ASN A 231 -9.18 -0.12 2.99
N VAL A 232 -8.56 0.39 4.06
CA VAL A 232 -9.26 0.69 5.29
C VAL A 232 -8.73 1.97 5.90
N TYR A 233 -9.63 2.82 6.36
CA TYR A 233 -9.25 3.96 7.17
C TYR A 233 -10.28 4.16 8.23
N GLY A 234 -9.83 4.19 9.49
CA GLY A 234 -10.75 4.32 10.61
C GLY A 234 -11.56 3.06 10.65
N SER A 235 -12.88 3.20 10.67
CA SER A 235 -13.74 2.05 10.64
C SER A 235 -14.41 1.81 9.27
N LEU A 236 -13.94 2.50 8.22
CA LEU A 236 -14.54 2.37 6.89
C LEU A 236 -13.67 1.53 6.00
N ILE A 237 -14.30 0.60 5.28
CA ILE A 237 -13.61 -0.24 4.31
C ILE A 237 -14.01 0.18 2.91
N PHE A 238 -13.02 0.58 2.11
CA PHE A 238 -13.23 0.99 0.72
C PHE A 238 -12.83 -0.19 -0.16
N TYR A 239 -13.69 -0.61 -1.08
CA TYR A 239 -13.39 -1.81 -1.87
C TYR A 239 -13.93 -1.79 -3.27
N GLN A 240 -13.28 -2.55 -4.14
CA GLN A 240 -13.73 -2.76 -5.47
C GLN A 240 -14.47 -4.09 -5.60
N ARG A 241 -15.71 -4.01 -6.06
CA ARG A 241 -16.53 -5.21 -6.30
C ARG A 241 -16.44 -5.50 -7.76
N GLY A 242 -16.16 -6.76 -8.09
CA GLY A 242 -16.02 -7.17 -9.50
C GLY A 242 -17.31 -7.81 -9.93
N GLY A 243 -17.27 -8.46 -11.09
CA GLY A 243 -18.43 -9.20 -11.59
C GLY A 243 -19.28 -8.38 -12.55
N ASP A 244 -20.58 -8.67 -12.53
CA ASP A 244 -21.51 -8.14 -13.54
C ASP A 244 -21.82 -6.64 -13.44
N ASN A 245 -21.74 -6.12 -12.22
CA ASN A 245 -22.08 -4.73 -11.92
C ASN A 245 -20.96 -4.14 -11.04
N PRO A 246 -19.77 -3.97 -11.63
CA PRO A 246 -18.58 -3.59 -10.84
C PRO A 246 -18.73 -2.19 -10.26
N ALA A 247 -18.23 -1.99 -9.03
CA ALA A 247 -18.31 -0.67 -8.40
C ALA A 247 -17.31 -0.50 -7.29
N LEU A 248 -16.80 0.71 -7.13
CA LEU A 248 -16.09 1.07 -5.90
C LEU A 248 -17.17 1.40 -4.86
N CYS A 249 -17.01 0.78 -3.70
CA CYS A 249 -17.98 0.83 -2.63
C CYS A 249 -17.29 1.13 -1.31
N VAL A 250 -18.11 1.52 -0.34
CA VAL A 250 -17.63 1.64 1.00
C VAL A 250 -18.63 0.97 1.93
N VAL A 251 -18.13 0.48 3.05
CA VAL A 251 -18.98 -0.05 4.10
C VAL A 251 -18.27 0.12 5.44
N LYS A 252 -19.03 0.32 6.51
CA LYS A 252 -18.44 0.40 7.85
C LYS A 252 -18.12 -1.03 8.34
N ASN A 253 -17.19 -1.16 9.28
CA ASN A 253 -16.73 -2.47 9.73
C ASN A 253 -17.72 -3.27 10.62
N ASP A 254 -18.93 -2.75 10.81
CA ASP A 254 -20.01 -3.50 11.45
C ASP A 254 -21.12 -3.88 10.44
N GLY A 255 -20.87 -3.69 9.14
CA GLY A 255 -21.82 -4.03 8.08
C GLY A 255 -22.79 -2.93 7.68
N THR A 256 -22.77 -1.82 8.41
CA THR A 256 -23.67 -0.72 8.19
C THR A 256 -23.08 0.33 7.21
N GLY A 257 -23.96 1.16 6.66
CA GLY A 257 -23.52 2.29 5.86
C GLY A 257 -22.96 1.98 4.48
N PHE A 258 -23.32 0.81 3.92
CA PHE A 258 -22.98 0.48 2.55
C PHE A 258 -23.37 1.59 1.59
N LYS A 259 -22.45 1.96 0.71
CA LYS A 259 -22.70 2.93 -0.33
C LYS A 259 -21.86 2.56 -1.58
N GLU A 260 -22.49 2.63 -2.75
CA GLU A 260 -21.75 2.53 -4.00
C GLU A 260 -21.24 3.90 -4.36
N LEU A 261 -19.93 4.04 -4.53
CA LEU A 261 -19.32 5.37 -4.73
C LEU A 261 -19.07 5.70 -6.19
N ALA A 262 -18.81 4.68 -7.01
CA ALA A 262 -18.60 4.88 -8.41
C ALA A 262 -18.76 3.55 -9.14
N LYS A 263 -19.44 3.61 -10.26
CA LYS A 263 -19.65 2.45 -11.14
C LYS A 263 -18.48 2.26 -12.10
N GLY A 264 -17.97 1.04 -12.16
CA GLY A 264 -16.87 0.73 -13.08
C GLY A 264 -15.85 -0.14 -12.37
N GLU A 265 -14.73 -0.38 -13.06
CA GLU A 265 -13.66 -1.21 -12.58
C GLU A 265 -12.53 -0.30 -12.15
N PHE A 266 -12.28 -0.24 -10.84
CA PHE A 266 -11.25 0.61 -10.28
C PHE A 266 -10.22 -0.23 -9.56
N CYS A 267 -9.13 0.42 -9.20
CA CYS A 267 -8.03 -0.21 -8.53
C CYS A 267 -7.13 0.84 -7.84
N ASN A 268 -6.06 0.34 -7.21
CA ASN A 268 -5.07 1.19 -6.56
C ASN A 268 -5.72 2.16 -5.57
N ILE A 269 -6.49 1.58 -4.68
CA ILE A 269 -7.17 2.33 -3.62
C ILE A 269 -6.18 2.73 -2.56
N ASN A 270 -5.92 4.03 -2.42
CA ASN A 270 -4.94 4.56 -1.45
C ASN A 270 -5.60 5.51 -0.49
N VAL A 271 -5.32 5.34 0.80
CA VAL A 271 -6.00 6.13 1.80
C VAL A 271 -5.06 7.18 2.43
N THR A 272 -5.61 8.36 2.71
CA THR A 272 -5.01 9.40 3.56
C THR A 272 -6.10 9.87 4.51
N SER A 273 -5.73 10.73 5.49
CA SER A 273 -6.67 11.14 6.48
C SER A 273 -7.76 11.98 5.86
N GLN A 274 -7.47 12.63 4.75
CA GLN A 274 -8.41 13.54 4.06
CA GLN A 274 -8.49 13.48 4.16
C GLN A 274 -9.19 12.91 2.92
N TYR A 275 -8.47 12.18 2.08
CA TYR A 275 -9.06 11.58 0.88
C TYR A 275 -8.65 10.14 0.67
N VAL A 276 -9.54 9.41 0.00
CA VAL A 276 -9.27 8.11 -0.55
C VAL A 276 -9.22 8.24 -2.08
N TYR A 277 -8.11 7.77 -2.65
CA TYR A 277 -7.81 7.89 -4.09
C TYR A 277 -7.97 6.54 -4.72
N PHE A 278 -8.45 6.54 -5.96
CA PHE A 278 -8.64 5.32 -6.73
C PHE A 278 -8.52 5.63 -8.26
N THR A 279 -8.17 4.61 -9.03
CA THR A 279 -7.89 4.76 -10.46
C THR A 279 -8.80 3.86 -11.29
N ASP A 280 -9.27 4.36 -12.42
CA ASP A 280 -10.05 3.51 -13.36
C ASP A 280 -9.09 2.57 -14.06
N PHE A 281 -9.33 1.27 -13.95
CA PHE A 281 -8.43 0.21 -14.44
C PHE A 281 -8.16 0.32 -15.95
N VAL A 282 -9.15 0.74 -16.73
CA VAL A 282 -9.00 0.86 -18.19
C VAL A 282 -8.45 2.23 -18.60
N SER A 283 -9.06 3.33 -18.15
CA SER A 283 -8.62 4.67 -18.58
C SER A 283 -7.39 5.23 -17.82
N ASN A 284 -7.01 4.58 -16.72
CA ASN A 284 -5.96 5.06 -15.82
CA ASN A 284 -5.95 5.05 -15.79
C ASN A 284 -6.21 6.47 -15.25
N LYS A 285 -7.44 6.98 -15.44
CA LYS A 285 -7.84 8.24 -14.81
C LYS A 285 -8.04 8.04 -13.27
N GLU A 286 -7.71 9.05 -12.50
CA GLU A 286 -7.78 8.93 -11.07
C GLU A 286 -8.88 9.81 -10.50
N TYR A 287 -9.45 9.37 -9.37
CA TYR A 287 -10.55 10.05 -8.68
C TYR A 287 -10.30 10.01 -7.16
N CYS A 288 -11.06 10.79 -6.41
CA CYS A 288 -11.01 10.66 -4.94
C CYS A 288 -12.31 11.03 -4.26
N THR A 289 -12.40 10.69 -2.98
CA THR A 289 -13.57 11.05 -2.19
C THR A 289 -13.12 11.28 -0.75
N SER A 290 -13.89 12.03 0.03
CA SER A 290 -13.62 12.26 1.46
C SER A 290 -13.44 10.92 2.22
N THR A 291 -12.38 10.82 3.02
CA THR A 291 -12.17 9.61 3.81
C THR A 291 -13.19 9.46 4.94
N GLN A 292 -13.57 10.54 5.57
CA GLN A 292 -14.45 10.48 6.72
C GLN A 292 -15.93 10.46 6.28
N ASN A 293 -16.27 11.18 5.21
CA ASN A 293 -17.66 11.25 4.72
CA ASN A 293 -17.65 11.23 4.70
C ASN A 293 -17.68 10.97 3.20
N PRO A 294 -17.29 9.76 2.78
CA PRO A 294 -17.25 9.49 1.33
C PRO A 294 -18.59 9.61 0.67
N ASP A 295 -18.68 10.43 -0.38
CA ASP A 295 -19.94 10.62 -1.06
C ASP A 295 -19.71 11.23 -2.44
N THR A 296 -19.37 12.52 -2.51
CA THR A 296 -19.08 13.16 -3.80
C THR A 296 -17.69 12.71 -4.29
N ILE A 297 -17.53 12.55 -5.61
CA ILE A 297 -16.29 12.08 -6.19
C ILE A 297 -15.62 13.22 -6.95
N LYS A 298 -14.37 13.49 -6.64
CA LYS A 298 -13.58 14.51 -7.35
C LYS A 298 -12.66 13.82 -8.35
N ALA A 299 -12.35 14.51 -9.43
CA ALA A 299 -11.45 14.00 -10.47
C ALA A 299 -10.10 14.65 -10.27
N LEU A 300 -9.04 13.87 -10.47
CA LEU A 300 -7.67 14.42 -10.37
C LEU A 300 -7.20 14.98 -11.72
N GLN A 301 -7.82 14.57 -12.82
CA GLN A 301 -7.47 15.08 -14.15
C GLN A 301 -8.39 16.24 -14.56
N PRO A 302 -7.81 17.33 -15.11
CA PRO A 302 -6.37 17.67 -15.17
C PRO A 302 -5.86 18.26 -13.84
C1 EDO B . -5.11 3.77 9.24
O1 EDO B . -5.84 2.85 8.40
C2 EDO B . -6.01 4.50 10.23
O2 EDO B . -7.26 3.80 10.39
C1 EDO C . 8.21 9.14 12.32
O1 EDO C . 7.23 8.40 13.06
C2 EDO C . 7.88 9.02 10.82
O2 EDO C . 7.36 10.27 10.35
C1 EDO D . -2.57 -0.56 -14.19
O1 EDO D . -2.00 -0.83 -12.90
C2 EDO D . -3.95 0.07 -13.98
O2 EDO D . -3.79 1.33 -13.29
C1 EDO E . -5.56 -5.21 -0.92
O1 EDO E . -6.31 -4.46 -1.90
C2 EDO E . -5.64 -4.64 0.52
O2 EDO E . -5.18 -3.33 0.67
C1 EDO F . 3.67 -12.49 -4.83
O1 EDO F . 2.63 -12.77 -3.89
C2 EDO F . 3.23 -11.25 -5.58
O2 EDO F . 4.16 -10.97 -6.65
C1 EDO G . 3.68 -14.58 -0.89
O1 EDO G . 3.18 -15.08 -2.14
C2 EDO G . 2.56 -13.92 -0.09
O2 EDO G . 3.00 -13.68 1.26
C1 EDO H . 19.42 -0.43 13.55
O1 EDO H . 18.07 -0.88 13.78
C2 EDO H . 19.97 -1.15 12.31
O2 EDO H . 21.27 -0.64 11.97
C1 EDO I . 15.76 0.30 15.83
O1 EDO I . 14.81 0.35 14.77
C2 EDO I . 15.26 1.17 16.96
O2 EDO I . 14.94 0.34 18.09
C1 EDO J . 21.34 8.66 5.82
O1 EDO J . 22.56 8.10 5.32
C2 EDO J . 20.40 7.59 6.38
O2 EDO J . 20.52 7.50 7.81
C1 EDO K . 15.58 -19.09 2.73
O1 EDO K . 14.17 -19.37 2.81
C2 EDO K . 16.25 -18.99 4.10
O2 EDO K . 15.29 -18.77 5.15
C1 EDO L . 22.61 -11.61 -1.34
O1 EDO L . 22.27 -11.60 0.05
C2 EDO L . 22.40 -10.24 -1.98
O2 EDO L . 23.22 -9.23 -1.37
#